data_5HIJ
#
_entry.id   5HIJ
#
_cell.length_a   52.176
_cell.length_b   120.545
_cell.length_c   131.368
_cell.angle_alpha   90.00
_cell.angle_beta   90.00
_cell.angle_gamma   90.00
#
_symmetry.space_group_name_H-M   'I 2 2 2'
#
loop_
_entity.id
_entity.type
_entity.pdbx_description
1 polymer 'Glycine sarcosine N-methyltransferase'
2 non-polymer 'TRIMETHYL GLYCINE'
3 water water
#
_entity_poly.entity_id   1
_entity_poly.type   'polypeptide(L)'
_entity_poly.pdbx_seq_one_letter_code
;MGSSHHHHHHSSGLVPRGSHMMNQYGKQDFGDNPIEVRESDHYEEEYVLGFVDKWDELIDWESRAESEGDTIINILKERG
VKKVLDVATGTGFNSVRLLQAGFDVVSADGSAEMLVKAFDNARDHGYLMRTVQADWRWMNKDIHDKFDAIVCLGNSFTHL
FDEGDRRKALAEFYALLKHDGVLLLDQRNYDAILDDGYSSKHAHYYCGDTVSVYPEHVDEGLARFKYEFSDGSVYNLNMF
PLRKDYTRQLLHEVGFQEINTLGDFKETYKEDEPDFFLHVAEKN
;
_entity_poly.pdbx_strand_id   A
#
loop_
_chem_comp.id
_chem_comp.type
_chem_comp.name
_chem_comp.formula
BET non-polymer 'TRIMETHYL GLYCINE' 'C5 H12 N O2 1'
#
# COMPACT_ATOMS: atom_id res chain seq x y z
N HIS A 42 -17.09 1.16 13.89
CA HIS A 42 -17.46 2.57 13.94
C HIS A 42 -16.26 3.46 14.24
N TYR A 43 -15.86 3.51 15.50
CA TYR A 43 -14.80 4.42 15.93
C TYR A 43 -13.45 4.08 15.31
N GLU A 44 -13.17 2.79 15.11
CA GLU A 44 -11.87 2.42 14.54
C GLU A 44 -11.73 3.00 13.14
N GLU A 45 -12.83 3.01 12.38
CA GLU A 45 -12.79 3.57 11.03
C GLU A 45 -12.63 5.10 11.07
N GLU A 46 -13.36 5.76 11.95
CA GLU A 46 -13.18 7.20 12.19
C GLU A 46 -11.74 7.56 12.59
N TYR A 47 -11.13 6.71 13.40
CA TYR A 47 -9.76 6.93 13.87
C TYR A 47 -8.77 6.87 12.70
N VAL A 48 -8.93 5.87 11.84
CA VAL A 48 -8.04 5.74 10.71
C VAL A 48 -8.27 6.87 9.69
N LEU A 49 -9.52 7.30 9.53
CA LEU A 49 -9.79 8.44 8.64
C LEU A 49 -9.11 9.72 9.16
N GLY A 50 -9.06 9.88 10.48
CA GLY A 50 -8.38 11.02 11.07
C GLY A 50 -6.89 10.92 10.81
N PHE A 51 -6.37 9.70 10.86
CA PHE A 51 -4.94 9.45 10.66
C PHE A 51 -4.54 9.81 9.23
N VAL A 52 -5.30 9.36 8.25
CA VAL A 52 -4.92 9.64 6.86
C VAL A 52 -5.11 11.13 6.55
N ASP A 53 -6.13 11.75 7.16
CA ASP A 53 -6.31 13.20 7.04
C ASP A 53 -5.06 13.94 7.56
N LYS A 54 -4.54 13.48 8.69
CA LYS A 54 -3.40 14.14 9.34
C LYS A 54 -2.15 13.97 8.47
N TRP A 55 -1.91 12.75 7.99
CA TRP A 55 -0.78 12.50 7.09
C TRP A 55 -0.85 13.45 5.88
N ASP A 56 -2.02 13.53 5.25
CA ASP A 56 -2.19 14.35 4.05
C ASP A 56 -2.19 15.84 4.36
N GLU A 57 -2.60 16.21 5.56
CA GLU A 57 -2.58 17.63 5.96
C GLU A 57 -1.14 18.14 6.04
N LEU A 58 -0.25 17.30 6.54
CA LEU A 58 1.11 17.74 6.85
C LEU A 58 2.16 17.36 5.81
N ILE A 59 1.85 16.38 4.97
CA ILE A 59 2.79 15.88 3.97
C ILE A 59 2.20 15.98 2.56
N ASP A 60 2.67 16.96 1.79
CA ASP A 60 2.08 17.16 0.47
C ASP A 60 2.60 16.10 -0.49
N TRP A 61 1.84 15.87 -1.56
CA TRP A 61 2.14 14.76 -2.45
C TRP A 61 3.34 15.02 -3.35
N GLU A 62 3.57 16.28 -3.71
CA GLU A 62 4.76 16.64 -4.48
C GLU A 62 6.02 16.21 -3.72
N SER A 63 6.09 16.56 -2.44
CA SER A 63 7.21 16.17 -1.57
C SER A 63 7.37 14.66 -1.51
N ARG A 64 6.24 14.00 -1.29
CA ARG A 64 6.21 12.56 -1.15
C ARG A 64 6.61 11.83 -2.44
N ALA A 65 6.16 12.36 -3.57
CA ALA A 65 6.52 11.78 -4.88
C ALA A 65 8.00 11.95 -5.17
N GLU A 66 8.65 12.88 -4.46
CA GLU A 66 10.08 13.09 -4.59
C GLU A 66 10.85 12.14 -3.66
N SER A 67 10.41 12.05 -2.40
CA SER A 67 11.00 11.11 -1.44
C SER A 67 10.96 9.69 -1.99
N GLU A 68 9.76 9.19 -2.27
CA GLU A 68 9.61 7.97 -3.05
C GLU A 68 10.09 8.28 -4.46
N GLY A 69 10.49 7.27 -5.21
CA GLY A 69 11.00 7.54 -6.53
C GLY A 69 9.92 7.37 -7.58
N ASP A 70 10.34 7.05 -8.80
CA ASP A 70 9.43 6.64 -9.83
C ASP A 70 9.53 5.13 -10.02
N THR A 71 9.85 4.43 -8.93
CA THR A 71 10.06 2.99 -8.96
C THR A 71 8.86 2.27 -9.54
N ILE A 72 7.69 2.58 -8.99
CA ILE A 72 6.46 1.91 -9.38
C ILE A 72 6.11 2.23 -10.84
N ILE A 73 6.11 3.50 -11.19
CA ILE A 73 5.81 3.91 -12.57
C ILE A 73 6.75 3.23 -13.57
N ASN A 74 8.04 3.18 -13.27
CA ASN A 74 9.03 2.61 -14.17
C ASN A 74 8.84 1.10 -14.35
N ILE A 75 8.50 0.43 -13.26
CA ILE A 75 8.23 -0.99 -13.32
C ILE A 75 7.06 -1.25 -14.27
N LEU A 76 5.99 -0.47 -14.15
CA LEU A 76 4.82 -0.66 -14.99
C LEU A 76 5.12 -0.28 -16.44
N LYS A 77 5.86 0.81 -16.62
CA LYS A 77 6.21 1.29 -17.95
C LYS A 77 7.05 0.25 -18.68
N GLU A 78 8.04 -0.30 -18.01
CA GLU A 78 8.93 -1.29 -18.60
C GLU A 78 8.16 -2.53 -19.05
N ARG A 79 7.02 -2.81 -18.40
CA ARG A 79 6.22 -3.99 -18.74
C ARG A 79 5.13 -3.72 -19.77
N GLY A 80 5.05 -2.47 -20.24
CA GLY A 80 4.02 -2.09 -21.20
C GLY A 80 2.62 -2.11 -20.61
N VAL A 81 2.53 -1.95 -19.30
CA VAL A 81 1.24 -1.92 -18.61
C VAL A 81 0.38 -0.75 -19.09
N LYS A 82 -0.90 -1.00 -19.32
CA LYS A 82 -1.83 0.07 -19.69
C LYS A 82 -2.95 0.21 -18.66
N LYS A 83 -3.61 -0.92 -18.35
CA LYS A 83 -4.73 -0.92 -17.40
C LYS A 83 -4.28 -1.29 -16.01
N VAL A 84 -4.54 -0.43 -15.04
CA VAL A 84 -4.14 -0.68 -13.66
C VAL A 84 -5.34 -0.65 -12.71
N LEU A 85 -5.39 -1.60 -11.79
CA LEU A 85 -6.36 -1.56 -10.69
C LEU A 85 -5.66 -1.28 -9.37
N ASP A 86 -6.02 -0.16 -8.73
CA ASP A 86 -5.55 0.14 -7.38
C ASP A 86 -6.54 -0.49 -6.38
N VAL A 87 -6.08 -1.44 -5.57
CA VAL A 87 -6.99 -2.12 -4.64
C VAL A 87 -6.88 -1.57 -3.21
N ALA A 88 -6.03 -0.56 -3.03
CA ALA A 88 -5.83 0.08 -1.73
C ALA A 88 -5.70 1.58 -1.95
N THR A 89 -6.72 2.17 -2.57
CA THR A 89 -6.62 3.55 -3.06
C THR A 89 -6.32 4.55 -1.93
N GLY A 90 -6.93 4.35 -0.77
CA GLY A 90 -6.76 5.27 0.36
C GLY A 90 -7.17 6.66 -0.09
N THR A 91 -6.41 7.69 0.31
CA THR A 91 -6.76 9.05 -0.12
C THR A 91 -6.26 9.34 -1.54
N GLY A 92 -5.66 8.34 -2.19
CA GLY A 92 -5.46 8.37 -3.63
C GLY A 92 -4.06 8.62 -4.17
N PHE A 93 -3.06 8.66 -3.30
CA PHE A 93 -1.71 9.08 -3.74
C PHE A 93 -1.19 8.25 -4.91
N ASN A 94 -1.18 6.93 -4.76
CA ASN A 94 -0.67 6.07 -5.82
C ASN A 94 -1.56 6.08 -7.07
N SER A 95 -2.88 6.14 -6.91
CA SER A 95 -3.76 6.23 -8.06
C SER A 95 -3.51 7.51 -8.86
N VAL A 96 -3.37 8.63 -8.15
CA VAL A 96 -3.17 9.91 -8.83
C VAL A 96 -1.82 9.98 -9.53
N ARG A 97 -0.78 9.46 -8.87
CA ARG A 97 0.54 9.34 -9.52
C ARG A 97 0.45 8.55 -10.83
N LEU A 98 -0.34 7.47 -10.84
CA LEU A 98 -0.47 6.65 -12.04
C LEU A 98 -1.32 7.34 -13.10
N LEU A 99 -2.37 8.02 -12.67
CA LEU A 99 -3.18 8.82 -13.59
C LEU A 99 -2.33 9.92 -14.25
N GLN A 100 -1.49 10.59 -13.45
CA GLN A 100 -0.58 11.60 -14.00
C GLN A 100 0.38 11.03 -15.03
N ALA A 101 0.80 9.78 -14.81
CA ALA A 101 1.74 9.12 -15.72
C ALA A 101 1.04 8.55 -16.95
N GLY A 102 -0.27 8.73 -17.05
CA GLY A 102 -1.01 8.36 -18.24
C GLY A 102 -1.55 6.92 -18.25
N PHE A 103 -1.56 6.25 -17.10
CA PHE A 103 -2.15 4.91 -17.05
C PHE A 103 -3.66 5.01 -16.98
N ASP A 104 -4.32 3.97 -17.47
CA ASP A 104 -5.75 3.80 -17.30
C ASP A 104 -5.98 3.16 -15.94
N VAL A 105 -6.55 3.91 -15.00
CA VAL A 105 -6.62 3.43 -13.62
C VAL A 105 -8.03 3.30 -13.11
N VAL A 106 -8.32 2.17 -12.48
CA VAL A 106 -9.54 1.99 -11.69
C VAL A 106 -9.14 1.97 -10.22
N SER A 107 -9.78 2.81 -9.42
CA SER A 107 -9.40 3.02 -8.04
C SER A 107 -10.40 2.42 -7.05
N ALA A 108 -10.04 1.29 -6.47
CA ALA A 108 -10.89 0.59 -5.52
C ALA A 108 -10.41 0.76 -4.09
N ASP A 109 -11.35 0.62 -3.16
CA ASP A 109 -11.07 0.65 -1.73
C ASP A 109 -12.27 0.10 -1.00
N GLY A 110 -12.07 -0.50 0.17
CA GLY A 110 -13.19 -0.93 0.99
C GLY A 110 -14.00 0.21 1.59
N SER A 111 -13.38 1.37 1.72
CA SER A 111 -14.03 2.51 2.39
C SER A 111 -14.58 3.55 1.41
N ALA A 112 -15.86 3.84 1.53
CA ALA A 112 -16.48 4.88 0.72
C ALA A 112 -15.95 6.28 1.09
N GLU A 113 -15.66 6.49 2.37
CA GLU A 113 -15.13 7.78 2.83
C GLU A 113 -13.74 8.01 2.26
N MET A 114 -12.93 6.95 2.20
CA MET A 114 -11.60 7.05 1.56
C MET A 114 -11.74 7.47 0.09
N LEU A 115 -12.65 6.80 -0.60
CA LEU A 115 -12.81 7.03 -2.04
C LEU A 115 -13.31 8.45 -2.34
N VAL A 116 -14.11 9.02 -1.44
CA VAL A 116 -14.54 10.40 -1.61
C VAL A 116 -13.31 11.31 -1.52
N LYS A 117 -12.46 11.07 -0.53
CA LYS A 117 -11.25 11.87 -0.40
C LYS A 117 -10.38 11.72 -1.64
N ALA A 118 -10.22 10.49 -2.10
CA ALA A 118 -9.38 10.20 -3.25
C ALA A 118 -9.91 10.83 -4.54
N PHE A 119 -11.22 10.75 -4.75
CA PHE A 119 -11.80 11.36 -5.95
C PHE A 119 -11.56 12.88 -5.95
N ASP A 120 -11.77 13.51 -4.81
CA ASP A 120 -11.65 14.96 -4.78
C ASP A 120 -10.19 15.40 -4.90
N ASN A 121 -9.27 14.59 -4.38
CA ASN A 121 -7.84 14.87 -4.54
C ASN A 121 -7.43 14.75 -6.00
N ALA A 122 -7.92 13.70 -6.68
CA ALA A 122 -7.67 13.57 -8.12
C ALA A 122 -8.19 14.78 -8.86
N ARG A 123 -9.43 15.14 -8.58
CA ARG A 123 -10.05 16.36 -9.09
C ARG A 123 -9.14 17.57 -8.93
N ASP A 124 -8.61 17.73 -7.72
CA ASP A 124 -7.76 18.88 -7.41
C ASP A 124 -6.49 18.87 -8.25
N HIS A 125 -6.09 17.69 -8.71
CA HIS A 125 -4.91 17.57 -9.56
C HIS A 125 -5.24 17.62 -11.05
N GLY A 126 -6.52 17.76 -11.37
CA GLY A 126 -6.95 17.87 -12.76
C GLY A 126 -7.31 16.56 -13.42
N TYR A 127 -7.58 15.52 -12.62
CA TYR A 127 -7.93 14.20 -13.16
C TYR A 127 -9.27 13.68 -12.66
N LEU A 128 -9.97 12.95 -13.53
CA LEU A 128 -11.18 12.21 -13.15
C LEU A 128 -10.81 10.80 -12.71
N MET A 129 -11.03 10.52 -11.43
CA MET A 129 -10.81 9.19 -10.89
C MET A 129 -12.01 8.30 -11.17
N ARG A 130 -11.78 7.01 -11.35
CA ARG A 130 -12.87 6.06 -11.45
C ARG A 130 -12.88 5.22 -10.18
N THR A 131 -13.76 5.57 -9.23
CA THR A 131 -13.76 4.90 -7.92
C THR A 131 -14.75 3.74 -7.89
N VAL A 132 -14.38 2.68 -7.16
CA VAL A 132 -15.29 1.55 -6.94
C VAL A 132 -15.12 1.09 -5.51
N GLN A 133 -16.20 1.05 -4.72
CA GLN A 133 -16.10 0.46 -3.40
C GLN A 133 -16.12 -1.05 -3.51
N ALA A 134 -15.14 -1.71 -2.89
CA ALA A 134 -15.00 -3.14 -3.07
C ALA A 134 -14.27 -3.79 -1.90
N ASP A 135 -14.69 -5.01 -1.60
CA ASP A 135 -14.12 -5.79 -0.53
C ASP A 135 -13.10 -6.78 -1.12
N TRP A 136 -11.92 -6.88 -0.49
CA TRP A 136 -10.89 -7.80 -0.98
C TRP A 136 -11.35 -9.26 -1.03
N ARG A 137 -12.37 -9.63 -0.26
CA ARG A 137 -12.86 -11.01 -0.27
C ARG A 137 -13.77 -11.32 -1.46
N TRP A 138 -14.21 -10.27 -2.14
CA TRP A 138 -15.09 -10.45 -3.30
C TRP A 138 -14.87 -9.33 -4.29
N MET A 139 -13.68 -9.30 -4.88
CA MET A 139 -13.28 -8.14 -5.68
C MET A 139 -14.01 -8.05 -7.00
N ASN A 140 -14.48 -9.15 -7.54
CA ASN A 140 -15.15 -9.07 -8.84
C ASN A 140 -16.67 -8.94 -8.73
N LYS A 141 -17.15 -8.61 -7.53
CA LYS A 141 -18.56 -8.33 -7.35
C LYS A 141 -18.98 -7.12 -8.19
N ASP A 142 -18.14 -6.10 -8.22
CA ASP A 142 -18.47 -4.87 -8.94
C ASP A 142 -17.35 -4.42 -9.88
N ILE A 143 -16.34 -5.27 -10.04
CA ILE A 143 -15.27 -5.02 -10.99
C ILE A 143 -15.28 -6.13 -12.03
N HIS A 144 -15.58 -5.76 -13.27
CA HIS A 144 -15.88 -6.76 -14.29
C HIS A 144 -14.87 -6.73 -15.44
N ASP A 145 -13.71 -6.16 -15.18
CA ASP A 145 -12.67 -6.03 -16.18
C ASP A 145 -11.48 -6.87 -15.73
N LYS A 146 -10.49 -7.07 -16.61
CA LYS A 146 -9.23 -7.66 -16.19
C LYS A 146 -8.10 -6.66 -16.45
N PHE A 147 -7.04 -6.75 -15.66
CA PHE A 147 -6.02 -5.69 -15.65
C PHE A 147 -4.61 -6.18 -15.96
N ASP A 148 -3.78 -5.27 -16.48
CA ASP A 148 -2.37 -5.57 -16.74
C ASP A 148 -1.59 -5.58 -15.42
N ALA A 149 -2.04 -4.75 -14.50
CA ALA A 149 -1.37 -4.65 -13.22
C ALA A 149 -2.36 -4.33 -12.09
N ILE A 150 -2.04 -4.83 -10.91
CA ILE A 150 -2.72 -4.40 -9.69
C ILE A 150 -1.70 -3.78 -8.76
N VAL A 151 -2.04 -2.67 -8.11
CA VAL A 151 -1.17 -2.15 -7.07
C VAL A 151 -1.88 -2.20 -5.72
N CYS A 152 -1.15 -2.70 -4.73
CA CYS A 152 -1.64 -2.81 -3.36
C CYS A 152 -0.57 -2.19 -2.48
N LEU A 153 -0.54 -0.87 -2.43
CA LEU A 153 0.58 -0.13 -1.87
C LEU A 153 0.19 0.64 -0.62
N GLY A 154 1.16 1.29 0.00
CA GLY A 154 0.90 2.05 1.22
C GLY A 154 0.86 1.18 2.46
N ASN A 155 1.50 0.00 2.39
CA ASN A 155 1.52 -0.94 3.50
C ASN A 155 0.10 -1.28 3.97
N SER A 156 -0.74 -1.71 3.04
CA SER A 156 -2.15 -1.96 3.39
C SER A 156 -2.45 -3.45 3.64
N PHE A 157 -1.71 -4.32 2.98
CA PHE A 157 -1.94 -5.78 3.14
C PHE A 157 -1.71 -6.22 4.59
N THR A 158 -0.79 -5.53 5.29
CA THR A 158 -0.51 -5.85 6.70
C THR A 158 -1.68 -5.67 7.63
N HIS A 159 -2.77 -5.08 7.14
CA HIS A 159 -3.87 -4.81 8.05
C HIS A 159 -4.76 -6.03 8.26
N LEU A 160 -4.51 -7.12 7.53
CA LEU A 160 -5.26 -8.37 7.72
C LEU A 160 -4.63 -9.21 8.83
N PHE A 161 -5.40 -9.61 9.83
CA PHE A 161 -4.86 -10.45 10.90
C PHE A 161 -5.19 -11.93 10.75
N ASP A 162 -6.03 -12.28 9.78
CA ASP A 162 -6.42 -13.68 9.55
C ASP A 162 -5.79 -14.23 8.27
N GLU A 163 -5.15 -15.39 8.37
CA GLU A 163 -4.45 -15.96 7.22
C GLU A 163 -5.40 -16.34 6.09
N GLY A 164 -6.57 -16.85 6.45
CA GLY A 164 -7.59 -17.15 5.45
C GLY A 164 -7.95 -15.93 4.63
N ASP A 165 -8.09 -14.79 5.31
CA ASP A 165 -8.34 -13.53 4.62
C ASP A 165 -7.19 -13.12 3.71
N ARG A 166 -5.94 -13.38 4.13
CA ARG A 166 -4.79 -13.07 3.27
C ARG A 166 -4.83 -13.85 1.97
N ARG A 167 -5.08 -15.15 2.08
CA ARG A 167 -5.10 -16.00 0.90
C ARG A 167 -6.23 -15.58 -0.02
N LYS A 168 -7.39 -15.31 0.59
CA LYS A 168 -8.57 -14.94 -0.17
C LYS A 168 -8.32 -13.66 -0.96
N ALA A 169 -7.73 -12.67 -0.31
CA ALA A 169 -7.44 -11.39 -0.97
C ALA A 169 -6.48 -11.57 -2.15
N LEU A 170 -5.38 -12.29 -1.92
CA LEU A 170 -4.42 -12.52 -2.99
C LEU A 170 -5.03 -13.33 -4.14
N ALA A 171 -5.87 -14.29 -3.80
CA ALA A 171 -6.55 -15.07 -4.83
C ALA A 171 -7.50 -14.18 -5.64
N GLU A 172 -8.15 -13.21 -4.98
CA GLU A 172 -9.02 -12.29 -5.70
C GLU A 172 -8.23 -11.38 -6.64
N PHE A 173 -7.07 -10.92 -6.18
CA PHE A 173 -6.20 -10.08 -7.00
C PHE A 173 -5.72 -10.89 -8.20
N TYR A 174 -5.28 -12.10 -7.91
CA TYR A 174 -4.79 -13.00 -8.96
C TYR A 174 -5.83 -13.17 -10.07
N ALA A 175 -7.08 -13.36 -9.67
CA ALA A 175 -8.15 -13.62 -10.64
C ALA A 175 -8.47 -12.40 -11.51
N LEU A 176 -8.17 -11.19 -11.02
CA LEU A 176 -8.45 -9.98 -11.77
C LEU A 176 -7.35 -9.58 -12.75
N LEU A 177 -6.22 -10.30 -12.71
CA LEU A 177 -5.12 -10.00 -13.62
C LEU A 177 -5.27 -10.75 -14.94
N LYS A 178 -4.88 -10.08 -16.03
CA LYS A 178 -4.74 -10.77 -17.31
C LYS A 178 -3.63 -11.80 -17.22
N HIS A 179 -3.56 -12.67 -18.22
CA HIS A 179 -2.64 -13.81 -18.18
C HIS A 179 -1.22 -13.38 -17.86
N ASP A 180 -0.78 -12.28 -18.48
CA ASP A 180 0.57 -11.76 -18.30
C ASP A 180 0.64 -10.60 -17.31
N GLY A 181 -0.28 -10.58 -16.36
CA GLY A 181 -0.40 -9.49 -15.40
C GLY A 181 0.59 -9.51 -14.25
N VAL A 182 0.64 -8.42 -13.50
CA VAL A 182 1.57 -8.34 -12.39
C VAL A 182 0.91 -7.70 -11.20
N LEU A 183 1.25 -8.17 -10.00
CA LEU A 183 0.79 -7.57 -8.74
C LEU A 183 1.97 -6.89 -8.06
N LEU A 184 1.80 -5.61 -7.73
CA LEU A 184 2.77 -4.86 -6.95
C LEU A 184 2.20 -4.66 -5.55
N LEU A 185 2.88 -5.21 -4.55
CA LEU A 185 2.35 -5.19 -3.17
C LEU A 185 3.47 -4.85 -2.20
N ASP A 186 3.27 -3.84 -1.36
CA ASP A 186 4.38 -3.44 -0.51
C ASP A 186 4.08 -3.70 0.96
N GLN A 187 5.10 -3.54 1.80
CA GLN A 187 4.92 -3.75 3.23
C GLN A 187 6.08 -3.12 3.96
N ARG A 188 5.87 -2.78 5.23
CA ARG A 188 7.01 -2.42 6.08
C ARG A 188 7.91 -3.63 6.29
N ASN A 189 9.17 -3.37 6.58
CA ASN A 189 10.13 -4.41 6.91
C ASN A 189 9.94 -4.80 8.38
N TYR A 190 9.19 -5.87 8.63
CA TYR A 190 8.97 -6.33 9.99
C TYR A 190 10.07 -7.27 10.48
N ASP A 191 10.82 -7.83 9.54
CA ASP A 191 11.91 -8.73 9.91
C ASP A 191 12.91 -8.02 10.80
N ALA A 192 13.26 -6.80 10.42
CA ALA A 192 14.25 -6.02 11.18
C ALA A 192 13.75 -5.83 12.61
N ILE A 193 12.46 -5.58 12.76
CA ILE A 193 11.84 -5.30 14.05
C ILE A 193 11.65 -6.56 14.90
N LEU A 194 11.27 -7.67 14.25
CA LEU A 194 11.02 -8.92 14.96
C LEU A 194 12.28 -9.60 15.48
N ASP A 195 13.41 -9.32 14.85
CA ASP A 195 14.65 -10.03 15.15
C ASP A 195 15.62 -9.22 16.02
N ASP A 196 15.25 -7.98 16.35
CA ASP A 196 16.05 -7.14 17.21
C ASP A 196 15.31 -6.73 18.47
N SER A 200 16.73 -2.46 21.15
CA SER A 200 17.35 -1.99 19.92
C SER A 200 16.31 -1.51 18.91
N LYS A 201 15.19 -0.98 19.40
CA LYS A 201 14.14 -0.43 18.55
C LYS A 201 14.20 1.10 18.55
N HIS A 202 13.78 1.70 17.45
CA HIS A 202 13.88 3.15 17.28
C HIS A 202 12.85 3.65 16.27
N ALA A 203 12.67 4.96 16.22
CA ALA A 203 11.68 5.56 15.32
C ALA A 203 12.22 5.74 13.90
N HIS A 204 11.32 5.65 12.93
CA HIS A 204 11.61 5.97 11.54
C HIS A 204 10.87 7.25 11.20
N TYR A 205 11.52 8.15 10.45
CA TYR A 205 10.91 9.43 10.13
C TYR A 205 10.56 9.53 8.66
N TYR A 206 9.52 10.30 8.34
CA TYR A 206 9.07 10.47 6.96
C TYR A 206 8.82 11.94 6.65
N CYS A 207 9.18 12.35 5.44
CA CYS A 207 9.08 13.73 5.00
C CYS A 207 9.84 14.65 5.96
N GLY A 208 11.17 14.54 5.94
CA GLY A 208 11.98 15.22 6.94
C GLY A 208 11.64 14.64 8.29
N ASP A 209 11.29 15.51 9.25
CA ASP A 209 10.88 15.07 10.59
C ASP A 209 9.39 15.26 10.83
N THR A 210 8.61 15.34 9.76
CA THR A 210 7.17 15.62 9.87
C THR A 210 6.44 14.55 10.68
N VAL A 211 6.80 13.29 10.50
CA VAL A 211 6.18 12.24 11.31
C VAL A 211 7.22 11.19 11.73
N SER A 212 7.15 10.76 12.98
CA SER A 212 7.96 9.63 13.42
C SER A 212 7.06 8.42 13.60
N VAL A 213 7.63 7.24 13.33
CA VAL A 213 6.90 5.97 13.40
C VAL A 213 7.69 5.00 14.25
N TYR A 214 7.11 4.61 15.39
CA TYR A 214 7.83 3.86 16.41
C TYR A 214 7.07 2.57 16.78
N PRO A 215 7.76 1.43 16.74
CA PRO A 215 7.13 0.16 17.11
C PRO A 215 6.99 0.04 18.62
N GLU A 216 5.84 0.48 19.14
CA GLU A 216 5.57 0.46 20.58
C GLU A 216 5.53 -0.93 21.15
N HIS A 217 4.91 -1.82 20.40
CA HIS A 217 4.78 -3.20 20.82
C HIS A 217 4.95 -4.07 19.60
N VAL A 218 5.72 -5.13 19.74
CA VAL A 218 5.91 -6.07 18.64
C VAL A 218 5.96 -7.49 19.18
N ASP A 219 5.13 -8.37 18.64
CA ASP A 219 5.32 -9.81 18.84
C ASP A 219 5.03 -10.46 17.50
N GLU A 220 5.13 -11.79 17.42
CA GLU A 220 4.97 -12.50 16.15
C GLU A 220 3.60 -12.28 15.48
N GLY A 221 2.60 -11.92 16.27
CA GLY A 221 1.26 -11.77 15.74
C GLY A 221 0.75 -10.33 15.69
N LEU A 222 1.53 -9.38 16.18
CA LEU A 222 1.04 -8.00 16.23
C LEU A 222 2.17 -6.99 16.37
N ALA A 223 2.08 -5.89 15.61
CA ALA A 223 2.91 -4.73 15.84
C ALA A 223 1.98 -3.53 16.02
N ARG A 224 2.15 -2.79 17.11
CA ARG A 224 1.43 -1.54 17.27
C ARG A 224 2.41 -0.40 17.10
N PHE A 225 2.17 0.47 16.13
CA PHE A 225 3.04 1.60 15.87
C PHE A 225 2.47 2.90 16.41
N LYS A 226 3.34 3.69 17.02
CA LYS A 226 3.02 5.06 17.42
C LYS A 226 3.44 6.02 16.32
N TYR A 227 2.47 6.73 15.74
CA TYR A 227 2.78 7.76 14.75
C TYR A 227 2.70 9.13 15.42
N GLU A 228 3.82 9.83 15.52
CA GLU A 228 3.80 11.17 16.12
C GLU A 228 4.15 12.25 15.10
N PHE A 229 3.23 13.18 14.91
CA PHE A 229 3.36 14.22 13.90
C PHE A 229 3.97 15.49 14.48
N SER A 230 4.50 16.34 13.60
CA SER A 230 5.17 17.55 14.01
C SER A 230 4.24 18.53 14.71
N ASP A 231 2.93 18.43 14.48
CA ASP A 231 2.00 19.32 15.17
C ASP A 231 1.56 18.77 16.53
N GLY A 232 2.15 17.66 16.93
CA GLY A 232 1.84 17.05 18.21
C GLY A 232 0.84 15.91 18.17
N SER A 233 0.16 15.75 17.04
CA SER A 233 -0.84 14.69 16.90
C SER A 233 -0.21 13.32 17.07
N VAL A 234 -0.90 12.42 17.77
CA VAL A 234 -0.42 11.04 17.90
C VAL A 234 -1.51 10.04 17.53
N TYR A 235 -1.16 9.08 16.69
CA TYR A 235 -2.06 7.97 16.35
C TYR A 235 -1.34 6.65 16.61
N ASN A 236 -2.08 5.67 17.14
CA ASN A 236 -1.51 4.33 17.37
C ASN A 236 -2.31 3.33 16.55
N LEU A 237 -1.61 2.59 15.69
CA LEU A 237 -2.27 1.68 14.75
C LEU A 237 -1.69 0.27 14.85
N ASN A 238 -2.56 -0.73 14.77
CA ASN A 238 -2.16 -2.13 14.80
C ASN A 238 -2.00 -2.68 13.40
N MET A 239 -1.04 -3.58 13.21
CA MET A 239 -0.95 -4.27 11.93
C MET A 239 -0.26 -5.59 12.15
N PHE A 240 -0.37 -6.47 11.16
CA PHE A 240 0.22 -7.79 11.31
C PHE A 240 1.64 -7.76 10.76
N PRO A 241 2.61 -8.16 11.57
CA PRO A 241 4.02 -8.01 11.20
C PRO A 241 4.49 -9.12 10.23
N LEU A 242 4.08 -9.00 8.97
CA LEU A 242 4.41 -9.96 7.91
C LEU A 242 5.91 -10.13 7.71
N ARG A 243 6.45 -11.32 7.95
CA ARG A 243 7.82 -11.58 7.54
C ARG A 243 7.91 -11.57 6.00
N LYS A 244 9.04 -11.09 5.48
CA LYS A 244 9.21 -10.94 4.04
C LYS A 244 8.99 -12.28 3.31
N ASP A 245 9.59 -13.33 3.84
CA ASP A 245 9.47 -14.64 3.20
C ASP A 245 8.08 -15.26 3.36
N TYR A 246 7.35 -14.84 4.39
CA TYR A 246 5.98 -15.29 4.58
C TYR A 246 5.06 -14.71 3.50
N THR A 247 5.19 -13.41 3.23
CA THR A 247 4.44 -12.81 2.14
C THR A 247 4.76 -13.47 0.80
N ARG A 248 6.03 -13.72 0.53
CA ARG A 248 6.44 -14.38 -0.70
C ARG A 248 5.83 -15.77 -0.80
N GLN A 249 5.84 -16.49 0.31
CA GLN A 249 5.22 -17.81 0.39
C GLN A 249 3.74 -17.77 0.01
N LEU A 250 3.01 -16.82 0.59
CA LEU A 250 1.57 -16.68 0.31
C LEU A 250 1.32 -16.40 -1.17
N LEU A 251 2.12 -15.51 -1.72
CA LEU A 251 2.01 -15.18 -3.15
C LEU A 251 2.23 -16.41 -4.01
N HIS A 252 3.30 -17.14 -3.73
CA HIS A 252 3.57 -18.38 -4.44
C HIS A 252 2.43 -19.38 -4.26
N GLU A 253 1.91 -19.49 -3.04
CA GLU A 253 0.92 -20.54 -2.76
C GLU A 253 -0.43 -20.30 -3.45
N VAL A 254 -0.79 -19.05 -3.76
CA VAL A 254 -2.04 -18.82 -4.47
C VAL A 254 -1.87 -18.86 -5.99
N GLY A 255 -0.65 -18.99 -6.49
CA GLY A 255 -0.46 -19.28 -7.91
C GLY A 255 0.44 -18.33 -8.68
N PHE A 256 0.96 -17.30 -8.04
CA PHE A 256 1.91 -16.40 -8.71
C PHE A 256 3.20 -17.14 -9.05
N GLN A 257 3.70 -16.90 -10.26
CA GLN A 257 4.75 -17.73 -10.84
C GLN A 257 6.17 -17.32 -10.44
N GLU A 258 6.43 -16.03 -10.48
CA GLU A 258 7.74 -15.50 -10.12
C GLU A 258 7.57 -14.24 -9.29
N ILE A 259 8.28 -14.18 -8.17
CA ILE A 259 8.18 -13.02 -7.30
C ILE A 259 9.56 -12.44 -7.03
N ASN A 260 9.72 -11.17 -7.34
CA ASN A 260 10.95 -10.47 -7.00
C ASN A 260 10.64 -9.40 -5.96
N THR A 261 11.37 -9.47 -4.85
CA THR A 261 11.12 -8.56 -3.73
C THR A 261 12.28 -7.56 -3.66
N LEU A 262 11.92 -6.27 -3.68
CA LEU A 262 12.88 -5.17 -3.73
C LEU A 262 12.92 -4.43 -2.40
N GLY A 263 14.11 -4.03 -1.97
CA GLY A 263 14.19 -3.18 -0.80
C GLY A 263 13.70 -1.80 -1.21
N ASP A 264 12.93 -1.15 -0.36
CA ASP A 264 12.40 0.17 -0.68
C ASP A 264 12.72 1.09 0.48
N PHE A 265 13.65 2.01 0.24
CA PHE A 265 14.12 2.93 1.28
C PHE A 265 13.31 4.23 1.23
N LYS A 266 12.36 4.37 2.15
CA LYS A 266 11.45 5.52 2.13
C LYS A 266 11.77 6.55 3.23
N GLU A 267 12.33 6.08 4.35
CA GLU A 267 12.50 6.92 5.53
C GLU A 267 13.60 8.00 5.37
N THR A 268 13.52 9.02 6.22
CA THR A 268 14.43 10.15 6.16
C THR A 268 15.88 9.78 6.51
N TYR A 269 16.05 8.97 7.56
CA TYR A 269 17.40 8.63 7.98
C TYR A 269 17.64 7.17 7.64
N LYS A 270 18.35 6.95 6.53
CA LYS A 270 18.51 5.61 5.96
C LYS A 270 19.36 4.72 6.85
N GLU A 271 19.01 3.43 6.85
CA GLU A 271 19.78 2.40 7.53
C GLU A 271 20.20 1.36 6.52
N ASP A 272 21.04 0.41 6.94
CA ASP A 272 21.45 -0.66 6.04
C ASP A 272 20.24 -1.47 5.56
N GLU A 273 19.27 -1.67 6.44
CA GLU A 273 18.04 -2.37 6.06
C GLU A 273 16.98 -1.39 5.56
N PRO A 274 16.28 -1.74 4.48
CA PRO A 274 15.17 -0.89 4.02
C PRO A 274 14.03 -0.89 5.02
N ASP A 275 13.26 0.20 5.06
CA ASP A 275 12.11 0.24 5.94
C ASP A 275 10.87 -0.37 5.28
N PHE A 276 10.91 -0.52 3.95
CA PHE A 276 9.82 -1.17 3.23
C PHE A 276 10.36 -2.24 2.28
N PHE A 277 9.50 -3.20 1.93
CA PHE A 277 9.76 -4.10 0.80
C PHE A 277 8.69 -3.94 -0.26
N LEU A 278 9.08 -4.10 -1.51
CA LEU A 278 8.11 -4.09 -2.59
C LEU A 278 8.16 -5.42 -3.33
N HIS A 279 7.07 -6.18 -3.26
CA HIS A 279 6.98 -7.45 -3.98
C HIS A 279 6.44 -7.24 -5.38
N VAL A 280 7.13 -7.80 -6.37
CA VAL A 280 6.67 -7.70 -7.75
C VAL A 280 6.32 -9.11 -8.19
N ALA A 281 5.03 -9.43 -8.19
CA ALA A 281 4.59 -10.80 -8.37
C ALA A 281 3.94 -11.00 -9.73
N GLU A 282 4.54 -11.85 -10.56
CA GLU A 282 4.05 -12.05 -11.90
C GLU A 282 3.10 -13.24 -11.94
N LYS A 283 1.94 -13.02 -12.56
CA LYS A 283 0.91 -14.05 -12.59
C LYS A 283 1.39 -15.29 -13.35
N ASN A 284 2.12 -15.07 -14.44
CA ASN A 284 2.71 -16.17 -15.19
C ASN A 284 4.16 -15.89 -15.60
N BET B . -3.14 16.41 -0.68
CA BET B . -2.66 17.79 -0.88
C BET B . -1.35 18.03 -1.60
O BET B . -0.94 19.21 -1.78
OXT BET B . -0.60 17.10 -2.03
C1 BET B . -4.43 16.39 -0.01
C2 BET B . -2.20 15.69 0.18
C3 BET B . -3.30 15.73 -1.96
#